data_4P7E
#
_entry.id   4P7E
#
_cell.length_a   111.390
_cell.length_b   111.390
_cell.length_c   71.080
_cell.angle_alpha   90.00
_cell.angle_beta   90.00
_cell.angle_gamma   90.00
#
_symmetry.space_group_name_H-M   'P 41'
#
loop_
_entity.id
_entity.type
_entity.pdbx_description
1 polymer 'Tyrosine-protein kinase JAK2'
2 non-polymer N-(5-{4-[(1,1-dioxidothiomorpholin-4-yl)methyl]phenyl}[1,2,4]triazolo[1,5-a]pyridin-2-yl)cyclopropanecarboxamide
3 water water
#
_entity_poly.entity_id   1
_entity_poly.type   'polypeptide(L)'
_entity_poly.pdbx_seq_one_letter_code
;DPTQFEERHLKFLQQLGKGNFGSVEMCRYDPLQDNTGEVVAVKKLQHSTEEHLRDFEREIEILKSLQHDNIVKYKGVCYS
AGRRNLKLIMEYLPYGSLRDYLQKHKERIDHIKLLQYTSQICKGMEYLGTKRYIHRDLATRNILVENENRVKIGDFGLTK
VLPQDKE(PTR)(PTR)KVKEPGESPIFWYAPESLTESKFSVASDVWSFGVVLYELFTYIEKSKSPPAEFMRMIGNDKQG
QMIVFHLIELLKNNGRLPRPDGCPDEIYMIMTECWNNNVNQRPSFRDLALRVDQIRDQMAG
;
_entity_poly.pdbx_strand_id   A,B
#
loop_
_chem_comp.id
_chem_comp.type
_chem_comp.name
_chem_comp.formula
2HB non-polymer N-(5-{4-[(1,1-dioxidothiomorpholin-4-yl)methyl]phenyl}[1,2,4]triazolo[1,5-a]pyridin-2-yl)cyclopropanecarboxamide 'C21 H23 N5 O3 S'
#
# COMPACT_ATOMS: atom_id res chain seq x y z
N GLN A 4 -36.57 16.35 -23.07
CA GLN A 4 -36.12 17.64 -22.49
C GLN A 4 -35.04 18.30 -23.37
N PHE A 5 -34.31 17.47 -24.13
CA PHE A 5 -33.11 17.91 -24.86
C PHE A 5 -33.28 17.92 -26.39
N GLU A 6 -32.76 18.95 -27.04
CA GLU A 6 -32.78 19.05 -28.50
C GLU A 6 -31.43 18.70 -29.09
N GLU A 7 -31.44 17.82 -30.09
CA GLU A 7 -30.23 17.45 -30.83
C GLU A 7 -29.41 18.65 -31.34
N ARG A 8 -30.09 19.71 -31.77
CA ARG A 8 -29.39 20.87 -32.33
C ARG A 8 -28.65 21.75 -31.31
N HIS A 9 -28.98 21.57 -30.04
CA HIS A 9 -28.38 22.40 -28.98
C HIS A 9 -27.27 21.67 -28.23
N LEU A 10 -26.95 20.47 -28.70
CA LEU A 10 -25.96 19.60 -28.09
C LEU A 10 -24.66 19.67 -28.89
N LYS A 11 -23.64 20.34 -28.33
CA LYS A 11 -22.35 20.51 -29.01
C LYS A 11 -21.31 19.50 -28.53
N PHE A 12 -20.78 18.71 -29.47
CA PHE A 12 -19.71 17.75 -29.17
C PHE A 12 -18.43 18.45 -28.72
N LEU A 13 -17.86 17.97 -27.61
CA LEU A 13 -16.59 18.49 -27.10
C LEU A 13 -15.45 17.49 -27.22
N GLN A 14 -15.69 16.26 -26.76
CA GLN A 14 -14.71 15.19 -26.92
C GLN A 14 -15.25 13.77 -26.66
N GLN A 15 -14.49 12.78 -27.13
CA GLN A 15 -14.80 11.37 -26.88
C GLN A 15 -14.37 10.98 -25.47
N LEU A 16 -15.24 10.31 -24.74
CA LEU A 16 -14.95 9.88 -23.38
C LEU A 16 -14.66 8.39 -23.33
N GLY A 17 -15.18 7.65 -24.30
CA GLY A 17 -14.95 6.22 -24.38
C GLY A 17 -15.77 5.54 -25.45
N LYS A 18 -15.10 4.67 -26.19
CA LYS A 18 -15.73 3.93 -27.29
C LYS A 18 -15.59 2.42 -27.04
N GLY A 19 -16.66 1.68 -27.34
CA GLY A 19 -16.64 0.22 -27.23
C GLY A 19 -17.17 -0.44 -28.50
N ASN A 20 -17.53 -1.71 -28.39
CA ASN A 20 -18.07 -2.45 -29.55
C ASN A 20 -19.50 -2.04 -29.86
N PHE A 21 -20.26 -1.70 -28.82
CA PHE A 21 -21.68 -1.40 -28.99
C PHE A 21 -22.08 0.00 -28.49
N GLY A 22 -21.16 0.69 -27.80
CA GLY A 22 -21.47 1.99 -27.23
C GLY A 22 -20.37 3.04 -27.31
N SER A 23 -20.76 4.28 -27.09
CA SER A 23 -19.83 5.40 -27.05
C SER A 23 -20.36 6.49 -26.14
N VAL A 24 -19.47 7.09 -25.36
CA VAL A 24 -19.80 8.23 -24.48
C VAL A 24 -19.01 9.49 -24.90
N GLU A 25 -19.71 10.62 -25.02
CA GLU A 25 -19.08 11.87 -25.40
C GLU A 25 -19.33 12.96 -24.36
N MET A 26 -18.36 13.86 -24.23
CA MET A 26 -18.54 15.10 -23.49
C MET A 26 -19.17 16.08 -24.47
N CYS A 27 -20.34 16.62 -24.11
CA CYS A 27 -21.02 17.63 -24.90
C CYS A 27 -21.46 18.81 -24.05
N ARG A 28 -21.65 19.95 -24.69
CA ARG A 28 -22.25 21.09 -24.03
C ARG A 28 -23.68 21.23 -24.49
N TYR A 29 -24.61 21.27 -23.54
CA TYR A 29 -25.99 21.51 -23.88
C TYR A 29 -26.26 23.01 -23.71
N ASP A 30 -26.42 23.67 -24.86
CA ASP A 30 -26.44 25.12 -24.92
C ASP A 30 -27.67 25.66 -25.68
N PRO A 31 -28.88 25.51 -25.11
CA PRO A 31 -30.11 25.95 -25.79
C PRO A 31 -30.23 27.46 -26.04
N LEU A 32 -29.52 28.27 -25.28
CA LEU A 32 -29.50 29.73 -25.52
C LEU A 32 -28.34 30.12 -26.45
N GLN A 33 -27.57 29.10 -26.87
CA GLN A 33 -26.46 29.26 -27.82
C GLN A 33 -25.45 30.36 -27.48
N ASP A 34 -25.37 30.69 -26.19
CA ASP A 34 -24.54 31.77 -25.71
C ASP A 34 -23.38 31.26 -24.87
N ASN A 35 -22.96 30.03 -25.16
CA ASN A 35 -21.94 29.32 -24.37
C ASN A 35 -22.16 29.40 -22.85
N THR A 36 -23.40 29.21 -22.39
CA THR A 36 -23.70 29.20 -20.95
C THR A 36 -24.37 27.92 -20.43
N GLY A 37 -24.58 26.95 -21.32
CA GLY A 37 -25.14 25.67 -20.92
C GLY A 37 -24.16 24.78 -20.16
N GLU A 38 -24.69 23.76 -19.51
CA GLU A 38 -23.88 22.84 -18.77
C GLU A 38 -23.26 21.78 -19.68
N VAL A 39 -22.06 21.36 -19.32
CA VAL A 39 -21.40 20.21 -19.93
C VAL A 39 -22.04 18.91 -19.38
N VAL A 40 -22.34 18.00 -20.28
CA VAL A 40 -23.07 16.76 -19.95
C VAL A 40 -22.35 15.60 -20.61
N ALA A 41 -22.63 14.39 -20.15
CA ALA A 41 -22.10 13.19 -20.83
C ALA A 41 -23.21 12.56 -21.64
N VAL A 42 -22.86 12.15 -22.86
CA VAL A 42 -23.84 11.69 -23.84
C VAL A 42 -23.46 10.31 -24.32
N LYS A 43 -24.28 9.31 -24.01
CA LYS A 43 -24.04 7.96 -24.49
C LYS A 43 -24.92 7.62 -25.69
N LYS A 44 -24.32 7.01 -26.70
CA LYS A 44 -25.04 6.56 -27.88
C LYS A 44 -24.53 5.19 -28.33
N LEU A 45 -25.34 4.48 -29.09
CA LEU A 45 -24.88 3.24 -29.72
C LEU A 45 -23.89 3.58 -30.84
N GLN A 46 -22.88 2.74 -31.02
CA GLN A 46 -21.91 3.00 -32.08
C GLN A 46 -22.28 2.27 -33.38
N HIS A 47 -22.79 1.05 -33.25
CA HIS A 47 -23.35 0.34 -34.41
C HIS A 47 -24.72 -0.24 -34.09
N SER A 48 -25.73 0.61 -34.28
CA SER A 48 -27.09 0.37 -33.82
C SER A 48 -27.83 -0.75 -34.57
N THR A 49 -27.85 -1.93 -33.95
CA THR A 49 -28.79 -2.98 -34.30
C THR A 49 -30.13 -2.56 -33.68
N GLU A 50 -31.18 -3.33 -33.94
CA GLU A 50 -32.49 -3.05 -33.38
C GLU A 50 -32.66 -3.81 -32.07
N GLU A 51 -31.88 -4.87 -31.92
CA GLU A 51 -31.77 -5.58 -30.64
C GLU A 51 -31.00 -4.71 -29.67
N HIS A 52 -29.84 -4.22 -30.12
CA HIS A 52 -29.02 -3.29 -29.34
C HIS A 52 -29.78 -2.02 -28.95
N LEU A 53 -30.72 -1.59 -29.79
CA LEU A 53 -31.56 -0.44 -29.51
C LEU A 53 -32.58 -0.71 -28.39
N ARG A 54 -33.15 -1.91 -28.43
CA ARG A 54 -34.12 -2.36 -27.45
C ARG A 54 -33.44 -2.52 -26.09
N ASP A 55 -32.23 -3.05 -26.11
CA ASP A 55 -31.40 -3.16 -24.92
C ASP A 55 -31.03 -1.78 -24.36
N PHE A 56 -30.70 -0.85 -25.25
CA PHE A 56 -30.39 0.53 -24.89
C PHE A 56 -31.58 1.23 -24.24
N GLU A 57 -32.78 1.03 -24.78
CA GLU A 57 -34.01 1.57 -24.20
C GLU A 57 -34.23 1.08 -22.78
N ARG A 58 -33.95 -0.19 -22.54
CA ARG A 58 -34.04 -0.78 -21.21
C ARG A 58 -32.94 -0.28 -20.25
N GLU A 59 -31.72 -0.14 -20.75
CA GLU A 59 -30.61 0.47 -20.02
C GLU A 59 -30.98 1.88 -19.55
N ILE A 60 -31.56 2.67 -20.45
CA ILE A 60 -32.08 4.00 -20.13
C ILE A 60 -33.15 3.98 -19.03
N GLU A 61 -34.05 3.00 -19.10
CA GLU A 61 -35.12 2.86 -18.11
C GLU A 61 -34.60 2.43 -16.75
N ILE A 62 -33.59 1.58 -16.75
CA ILE A 62 -32.85 1.23 -15.54
C ILE A 62 -32.18 2.44 -14.90
N LEU A 63 -31.41 3.21 -15.67
CA LEU A 63 -30.67 4.35 -15.10
C LEU A 63 -31.63 5.40 -14.55
N LYS A 64 -32.70 5.65 -15.30
CA LYS A 64 -33.74 6.60 -14.93
C LYS A 64 -34.44 6.20 -13.61
N SER A 65 -34.56 4.90 -13.36
CA SER A 65 -35.19 4.41 -12.12
C SER A 65 -34.26 4.43 -10.89
N LEU A 66 -32.98 4.73 -11.11
CA LEU A 66 -32.01 4.74 -10.03
C LEU A 66 -31.73 6.18 -9.53
N GLN A 67 -31.86 6.37 -8.22
CA GLN A 67 -31.53 7.66 -7.61
C GLN A 67 -30.74 7.39 -6.32
N HIS A 68 -29.42 7.49 -6.42
CA HIS A 68 -28.52 7.17 -5.32
C HIS A 68 -27.23 8.01 -5.42
N ASP A 69 -26.65 8.36 -4.27
CA ASP A 69 -25.42 9.17 -4.25
C ASP A 69 -24.27 8.55 -5.05
N ASN A 70 -24.22 7.23 -5.10
CA ASN A 70 -23.14 6.52 -5.77
C ASN A 70 -23.55 5.90 -7.11
N ILE A 71 -24.51 6.53 -7.77
CA ILE A 71 -24.97 6.12 -9.10
C ILE A 71 -25.05 7.38 -9.95
N VAL A 72 -24.41 7.33 -11.12
CA VAL A 72 -24.40 8.46 -12.06
C VAL A 72 -25.85 8.93 -12.33
N LYS A 73 -26.08 10.24 -12.30
CA LYS A 73 -27.41 10.80 -12.54
C LYS A 73 -27.87 10.81 -13.99
N TYR A 74 -29.14 10.46 -14.17
CA TYR A 74 -29.80 10.51 -15.47
C TYR A 74 -30.29 11.93 -15.68
N LYS A 75 -30.08 12.48 -16.86
CA LYS A 75 -30.57 13.82 -17.15
C LYS A 75 -31.74 13.81 -18.13
N GLY A 76 -31.67 12.93 -19.11
CA GLY A 76 -32.72 12.84 -20.11
C GLY A 76 -32.28 12.05 -21.30
N VAL A 77 -33.12 12.07 -22.33
CA VAL A 77 -32.80 11.48 -23.62
C VAL A 77 -32.87 12.53 -24.72
N CYS A 78 -32.26 12.22 -25.85
CA CYS A 78 -32.24 13.10 -26.99
C CYS A 78 -32.34 12.21 -28.22
N TYR A 79 -33.12 12.63 -29.21
CA TYR A 79 -33.24 11.87 -30.46
C TYR A 79 -33.51 12.73 -31.69
N SER A 80 -33.03 12.25 -32.84
CA SER A 80 -33.33 12.83 -34.15
C SER A 80 -34.52 12.13 -34.81
N ASN A 85 -31.11 7.47 -33.77
CA ASN A 85 -31.47 8.62 -32.96
C ASN A 85 -30.90 8.52 -31.52
N LEU A 86 -31.48 7.62 -30.71
CA LEU A 86 -31.38 7.65 -29.25
C LEU A 86 -30.03 8.04 -28.63
N LYS A 87 -30.10 9.05 -27.77
CA LYS A 87 -28.98 9.45 -26.94
C LYS A 87 -29.43 9.51 -25.49
N LEU A 88 -28.57 8.98 -24.61
CA LEU A 88 -28.78 9.05 -23.17
C LEU A 88 -27.89 10.17 -22.66
N ILE A 89 -28.52 11.12 -21.97
CA ILE A 89 -27.85 12.28 -21.42
C ILE A 89 -27.68 12.05 -19.92
N MET A 90 -26.44 12.14 -19.46
CA MET A 90 -26.12 11.98 -18.04
C MET A 90 -25.35 13.18 -17.51
N GLU A 91 -25.22 13.24 -16.19
CA GLU A 91 -24.30 14.19 -15.59
C GLU A 91 -22.86 13.88 -16.03
N TYR A 92 -22.08 14.93 -16.25
CA TYR A 92 -20.66 14.81 -16.54
C TYR A 92 -19.85 14.84 -15.26
N LEU A 93 -19.02 13.82 -15.07
CA LEU A 93 -18.13 13.71 -13.90
C LEU A 93 -16.71 14.04 -14.32
N PRO A 94 -16.16 15.15 -13.79
CA PRO A 94 -14.95 15.75 -14.37
C PRO A 94 -13.65 14.94 -14.15
N TYR A 95 -13.62 14.10 -13.11
CA TYR A 95 -12.45 13.28 -12.85
C TYR A 95 -12.40 11.95 -13.62
N GLY A 96 -13.52 11.55 -14.21
CA GLY A 96 -13.54 10.37 -15.08
C GLY A 96 -13.57 9.05 -14.36
N SER A 97 -13.09 7.99 -15.01
CA SER A 97 -13.11 6.67 -14.43
C SER A 97 -12.15 6.51 -13.26
N LEU A 98 -12.61 5.80 -12.23
CA LEU A 98 -11.79 5.43 -11.08
C LEU A 98 -10.50 4.77 -11.56
N ARG A 99 -10.61 3.98 -12.61
CA ARG A 99 -9.45 3.32 -13.19
C ARG A 99 -8.32 4.29 -13.57
N ASP A 100 -8.64 5.27 -14.42
CA ASP A 100 -7.65 6.22 -14.89
C ASP A 100 -7.25 7.14 -13.78
N TYR A 101 -8.18 7.43 -12.89
CA TYR A 101 -7.93 8.34 -11.77
C TYR A 101 -6.99 7.74 -10.74
N LEU A 102 -7.14 6.43 -10.49
CA LEU A 102 -6.26 5.72 -9.58
C LEU A 102 -4.83 5.64 -10.15
N GLN A 103 -4.75 5.30 -11.43
CA GLN A 103 -3.50 5.21 -12.17
C GLN A 103 -2.70 6.53 -12.12
N LYS A 104 -3.38 7.65 -12.30
CA LYS A 104 -2.77 8.98 -12.32
C LYS A 104 -2.36 9.48 -10.94
N HIS A 105 -3.19 9.24 -9.93
CA HIS A 105 -2.98 9.82 -8.60
C HIS A 105 -2.57 8.81 -7.55
N LYS A 106 -1.95 7.70 -7.97
CA LYS A 106 -1.63 6.60 -7.06
C LYS A 106 -0.78 7.00 -5.86
N GLU A 107 0.11 7.97 -6.04
CA GLU A 107 0.94 8.48 -4.93
C GLU A 107 0.17 9.33 -3.90
N ARG A 108 -1.03 9.76 -4.27
CA ARG A 108 -1.87 10.62 -3.44
C ARG A 108 -3.03 9.84 -2.77
N ILE A 109 -3.27 8.61 -3.22
CA ILE A 109 -4.40 7.83 -2.71
C ILE A 109 -3.93 6.68 -1.83
N ASP A 110 -4.23 6.77 -0.54
CA ASP A 110 -3.88 5.71 0.39
C ASP A 110 -5.00 4.66 0.54
N HIS A 111 -4.71 3.64 1.35
CA HIS A 111 -5.63 2.52 1.56
C HIS A 111 -6.91 2.92 2.25
N ILE A 112 -6.85 3.91 3.14
CA ILE A 112 -8.03 4.43 3.82
C ILE A 112 -9.01 5.00 2.78
N LYS A 113 -8.46 5.68 1.76
CA LYS A 113 -9.24 6.17 0.63
C LYS A 113 -9.79 5.04 -0.27
N LEU A 114 -8.97 4.03 -0.55
CA LEU A 114 -9.41 2.89 -1.34
C LEU A 114 -10.64 2.23 -0.72
N LEU A 115 -10.67 2.15 0.60
CA LEU A 115 -11.78 1.54 1.33
C LEU A 115 -13.01 2.42 1.44
N GLN A 116 -12.81 3.72 1.44
CA GLN A 116 -13.94 4.63 1.28
C GLN A 116 -14.62 4.44 -0.11
N TYR A 117 -13.83 4.32 -1.17
CA TYR A 117 -14.37 4.07 -2.51
C TYR A 117 -15.09 2.73 -2.55
N THR A 118 -14.43 1.72 -1.99
CA THR A 118 -14.93 0.36 -1.88
C THR A 118 -16.32 0.33 -1.21
N SER A 119 -16.44 1.09 -0.14
CA SER A 119 -17.65 1.11 0.67
C SER A 119 -18.79 1.84 -0.03
N GLN A 120 -18.45 2.84 -0.84
CA GLN A 120 -19.42 3.54 -1.66
C GLN A 120 -19.91 2.67 -2.82
N ILE A 121 -19.01 1.85 -3.36
CA ILE A 121 -19.37 0.89 -4.39
C ILE A 121 -20.35 -0.17 -3.87
N CYS A 122 -20.12 -0.69 -2.65
CA CYS A 122 -21.04 -1.63 -1.98
C CYS A 122 -22.45 -1.07 -1.75
N LYS A 123 -22.52 0.19 -1.33
CA LYS A 123 -23.81 0.85 -1.08
C LYS A 123 -24.60 1.10 -2.36
N GLY A 124 -23.88 1.43 -3.44
CA GLY A 124 -24.43 1.55 -4.77
C GLY A 124 -24.94 0.21 -5.24
N MET A 125 -24.12 -0.82 -5.08
CA MET A 125 -24.48 -2.21 -5.43
C MET A 125 -25.62 -2.82 -4.59
N GLU A 126 -25.67 -2.50 -3.31
CA GLU A 126 -26.77 -2.94 -2.46
C GLU A 126 -28.07 -2.25 -2.90
N TYR A 127 -27.99 -1.01 -3.34
CA TYR A 127 -29.15 -0.29 -3.80
C TYR A 127 -29.71 -0.89 -5.09
N LEU A 128 -28.80 -1.37 -5.96
CA LEU A 128 -29.16 -2.14 -7.15
C LEU A 128 -29.92 -3.40 -6.84
N GLY A 129 -29.36 -4.23 -5.96
CA GLY A 129 -29.92 -5.53 -5.58
C GLY A 129 -31.28 -5.37 -4.93
N THR A 130 -31.52 -4.18 -4.39
CA THR A 130 -32.79 -3.78 -3.82
C THR A 130 -33.89 -3.65 -4.89
N LYS A 131 -33.49 -3.39 -6.12
CA LYS A 131 -34.44 -3.24 -7.22
C LYS A 131 -34.40 -4.49 -8.09
N ARG A 132 -33.70 -5.50 -7.60
CA ARG A 132 -33.47 -6.76 -8.30
C ARG A 132 -32.67 -6.58 -9.61
N TYR A 133 -31.84 -5.55 -9.65
CA TYR A 133 -30.95 -5.35 -10.76
C TYR A 133 -29.64 -6.12 -10.58
N ILE A 134 -29.22 -6.80 -11.63
CA ILE A 134 -27.90 -7.43 -11.71
C ILE A 134 -27.07 -6.62 -12.70
N HIS A 135 -25.93 -6.13 -12.23
CA HIS A 135 -25.08 -5.20 -12.96
C HIS A 135 -24.29 -5.88 -14.08
N ARG A 136 -23.65 -7.00 -13.76
CA ARG A 136 -22.94 -7.84 -14.72
C ARG A 136 -21.67 -7.22 -15.29
N ASP A 137 -21.26 -6.04 -14.84
CA ASP A 137 -20.12 -5.34 -15.46
C ASP A 137 -19.38 -4.44 -14.47
N LEU A 138 -19.26 -4.90 -13.23
CA LEU A 138 -18.51 -4.19 -12.21
C LEU A 138 -17.03 -4.25 -12.49
N ALA A 139 -16.44 -3.09 -12.72
CA ALA A 139 -15.00 -2.98 -12.99
C ALA A 139 -14.68 -1.53 -12.74
N THR A 140 -13.45 -1.24 -12.37
CA THR A 140 -13.05 0.16 -12.14
C THR A 140 -13.20 1.07 -13.37
N ARG A 141 -13.15 0.52 -14.58
CA ARG A 141 -13.42 1.32 -15.79
C ARG A 141 -14.86 1.84 -15.85
N ASN A 142 -15.79 1.17 -15.15
CA ASN A 142 -17.19 1.59 -15.10
C ASN A 142 -17.58 2.35 -13.82
N ILE A 143 -16.59 2.64 -12.99
CA ILE A 143 -16.80 3.50 -11.83
C ILE A 143 -16.22 4.87 -12.11
N LEU A 144 -16.96 5.89 -11.72
CA LEU A 144 -16.63 7.26 -12.02
C LEU A 144 -16.35 8.04 -10.75
N VAL A 145 -15.45 9.01 -10.87
CA VAL A 145 -15.06 9.82 -9.74
C VAL A 145 -15.75 11.18 -9.87
N GLU A 146 -16.61 11.49 -8.89
CA GLU A 146 -17.24 12.80 -8.82
C GLU A 146 -16.32 13.85 -8.18
N ASN A 147 -15.67 13.45 -7.10
CA ASN A 147 -14.65 14.27 -6.45
C ASN A 147 -13.74 13.34 -5.68
N GLU A 148 -12.88 13.91 -4.83
CA GLU A 148 -11.84 13.14 -4.14
C GLU A 148 -12.46 12.15 -3.17
N ASN A 149 -13.64 12.51 -2.67
CA ASN A 149 -14.37 11.75 -1.66
C ASN A 149 -15.60 10.95 -2.17
N ARG A 150 -15.85 10.96 -3.48
CA ARG A 150 -17.06 10.32 -3.96
C ARG A 150 -16.95 9.62 -5.30
N VAL A 151 -17.25 8.32 -5.29
CA VAL A 151 -17.38 7.56 -6.55
C VAL A 151 -18.82 7.18 -6.89
N LYS A 152 -19.05 6.91 -8.18
CA LYS A 152 -20.36 6.49 -8.65
C LYS A 152 -20.24 5.38 -9.66
N ILE A 153 -21.16 4.42 -9.58
CA ILE A 153 -21.30 3.43 -10.65
C ILE A 153 -21.83 4.19 -11.88
N GLY A 154 -21.15 4.03 -13.02
CA GLY A 154 -21.29 4.97 -14.12
C GLY A 154 -21.69 4.42 -15.46
N ASP A 155 -21.87 3.10 -15.56
CA ASP A 155 -22.37 2.45 -16.77
C ASP A 155 -23.29 1.27 -16.42
N PHE A 156 -24.37 1.11 -17.20
CA PHE A 156 -25.38 0.09 -16.95
C PHE A 156 -25.82 -0.66 -18.22
N GLY A 157 -24.92 -0.72 -19.21
CA GLY A 157 -25.21 -1.37 -20.49
C GLY A 157 -25.54 -2.86 -20.42
N LEU A 158 -25.01 -3.56 -19.41
CA LEU A 158 -25.19 -4.99 -19.28
C LEU A 158 -26.16 -5.38 -18.16
N THR A 159 -26.73 -4.37 -17.50
CA THR A 159 -27.58 -4.56 -16.32
C THR A 159 -28.93 -5.18 -16.68
N LYS A 160 -29.29 -6.22 -15.94
CA LYS A 160 -30.54 -6.95 -16.11
C LYS A 160 -31.42 -6.92 -14.87
N VAL A 161 -32.73 -6.97 -15.07
CA VAL A 161 -33.67 -7.21 -13.98
C VAL A 161 -33.86 -8.72 -13.76
N LEU A 162 -33.76 -9.17 -12.52
CA LEU A 162 -34.15 -10.53 -12.16
C LEU A 162 -35.64 -10.76 -12.43
N PRO A 163 -36.01 -11.98 -12.85
CA PRO A 163 -37.45 -12.25 -12.94
C PRO A 163 -38.00 -12.46 -11.53
N GLN A 164 -39.30 -12.32 -11.36
CA GLN A 164 -39.91 -12.45 -10.04
C GLN A 164 -39.66 -13.79 -9.36
N ASP A 165 -39.66 -14.87 -10.13
CA ASP A 165 -39.64 -16.23 -9.57
C ASP A 165 -38.23 -16.85 -9.47
N LYS A 166 -37.21 -16.05 -9.74
CA LYS A 166 -35.83 -16.55 -9.83
C LYS A 166 -34.80 -15.60 -9.23
N GLU A 167 -33.75 -16.17 -8.64
CA GLU A 167 -32.66 -15.40 -8.05
C GLU A 167 -31.41 -15.33 -8.94
N PTR A 168 -31.55 -15.82 -10.17
CA PTR A 168 -30.52 -15.68 -11.20
C PTR A 168 -31.17 -15.31 -12.53
O PTR A 168 -32.37 -15.42 -12.69
CB PTR A 168 -29.64 -16.92 -11.35
CG PTR A 168 -30.39 -18.15 -11.75
CD1 PTR A 168 -30.86 -19.04 -10.78
CD2 PTR A 168 -30.63 -18.46 -13.09
CE1 PTR A 168 -31.56 -20.18 -11.13
CE2 PTR A 168 -31.32 -19.60 -13.45
CZ PTR A 168 -31.78 -20.46 -12.46
OH PTR A 168 -32.41 -21.48 -12.76
P PTR A 168 -31.70 -22.93 -12.88
O1P PTR A 168 -30.66 -22.88 -14.03
O2P PTR A 168 -31.01 -23.36 -11.56
O3P PTR A 168 -32.76 -23.92 -13.19
N PTR A 169 -30.33 -14.84 -13.45
CA PTR A 169 -30.75 -14.52 -14.79
C PTR A 169 -29.73 -15.13 -15.77
O PTR A 169 -28.53 -14.95 -15.62
CB PTR A 169 -30.93 -13.00 -14.88
CG PTR A 169 -31.31 -12.51 -16.24
CD1 PTR A 169 -30.39 -12.53 -17.27
CD2 PTR A 169 -32.60 -12.05 -16.50
CE1 PTR A 169 -30.72 -12.09 -18.53
CE2 PTR A 169 -32.94 -11.61 -17.77
CZ PTR A 169 -32.00 -11.65 -18.79
OH PTR A 169 -32.18 -11.30 -19.96
P PTR A 169 -33.58 -10.94 -20.69
O1P PTR A 169 -33.31 -9.68 -21.56
O2P PTR A 169 -34.01 -12.13 -21.56
O3P PTR A 169 -34.62 -10.61 -19.69
N LYS A 170 -30.23 -15.85 -16.78
CA LYS A 170 -29.38 -16.51 -17.77
C LYS A 170 -29.34 -15.74 -19.08
N VAL A 171 -28.14 -15.53 -19.60
CA VAL A 171 -27.96 -14.78 -20.84
C VAL A 171 -26.56 -14.95 -21.39
N LYS A 172 -26.48 -15.22 -22.68
CA LYS A 172 -25.18 -15.27 -23.35
C LYS A 172 -25.26 -14.39 -24.58
N GLU A 173 -24.72 -13.18 -24.45
CA GLU A 173 -24.68 -12.22 -25.55
C GLU A 173 -23.51 -12.53 -26.50
N PRO A 174 -23.67 -12.18 -27.80
CA PRO A 174 -22.61 -12.41 -28.79
C PRO A 174 -21.37 -11.55 -28.55
N GLY A 175 -20.22 -12.02 -29.05
CA GLY A 175 -18.99 -11.23 -29.03
C GLY A 175 -18.14 -11.34 -27.77
N GLU A 176 -17.77 -10.18 -27.23
CA GLU A 176 -16.72 -10.09 -26.20
C GLU A 176 -17.23 -9.84 -24.78
N SER A 177 -17.14 -10.86 -23.94
CA SER A 177 -17.51 -10.76 -22.53
C SER A 177 -16.29 -10.49 -21.64
N PRO A 178 -16.43 -9.64 -20.60
CA PRO A 178 -15.36 -9.39 -19.62
C PRO A 178 -15.12 -10.62 -18.74
N ILE A 179 -14.60 -11.67 -19.35
CA ILE A 179 -14.46 -12.97 -18.69
C ILE A 179 -13.60 -13.00 -17.42
N PHE A 180 -12.65 -12.08 -17.30
CA PHE A 180 -11.75 -12.09 -16.14
C PHE A 180 -12.34 -11.45 -14.86
N TRP A 181 -13.58 -10.96 -14.96
CA TRP A 181 -14.35 -10.45 -13.84
C TRP A 181 -15.55 -11.36 -13.53
N TYR A 182 -15.73 -12.39 -14.34
CA TYR A 182 -16.88 -13.30 -14.27
C TYR A 182 -16.70 -14.41 -13.27
N ALA A 183 -17.75 -14.65 -12.49
CA ALA A 183 -17.83 -15.80 -11.60
C ALA A 183 -17.83 -17.07 -12.45
N PRO A 184 -17.35 -18.19 -11.90
CA PRO A 184 -17.28 -19.43 -12.69
C PRO A 184 -18.65 -19.94 -13.21
N GLU A 185 -19.73 -19.76 -12.44
CA GLU A 185 -21.07 -20.13 -12.90
C GLU A 185 -21.59 -19.20 -13.99
N SER A 186 -21.01 -18.01 -14.12
CA SER A 186 -21.32 -17.13 -15.25
C SER A 186 -20.57 -17.54 -16.50
N LEU A 187 -19.38 -18.11 -16.33
CA LEU A 187 -18.59 -18.60 -17.48
C LEU A 187 -19.14 -19.92 -18.03
N THR A 188 -19.55 -20.81 -17.13
CA THR A 188 -19.96 -22.17 -17.46
C THR A 188 -21.46 -22.31 -17.71
N GLU A 189 -22.27 -21.45 -17.09
CA GLU A 189 -23.73 -21.61 -17.16
C GLU A 189 -24.47 -20.34 -17.57
N SER A 190 -23.74 -19.25 -17.79
CA SER A 190 -24.35 -17.93 -18.10
C SER A 190 -25.34 -17.45 -17.03
N LYS A 191 -25.13 -17.89 -15.80
CA LYS A 191 -25.98 -17.53 -14.66
C LYS A 191 -25.42 -16.27 -14.01
N PHE A 192 -26.27 -15.26 -13.87
CA PHE A 192 -25.92 -13.98 -13.27
C PHE A 192 -26.88 -13.68 -12.14
N SER A 193 -26.33 -13.32 -10.99
CA SER A 193 -27.06 -13.13 -9.75
C SER A 193 -26.40 -12.03 -8.91
N VAL A 194 -27.00 -11.68 -7.79
CA VAL A 194 -26.35 -10.79 -6.85
C VAL A 194 -24.94 -11.34 -6.50
N ALA A 195 -24.83 -12.66 -6.37
CA ALA A 195 -23.56 -13.33 -6.01
C ALA A 195 -22.46 -13.33 -7.08
N SER A 196 -22.81 -13.24 -8.35
CA SER A 196 -21.78 -13.10 -9.37
C SER A 196 -21.29 -11.65 -9.41
N ASP A 197 -22.19 -10.72 -9.05
CA ASP A 197 -21.85 -9.32 -8.86
C ASP A 197 -20.88 -9.18 -7.67
N VAL A 198 -21.08 -9.98 -6.62
CA VAL A 198 -20.16 -10.04 -5.47
C VAL A 198 -18.80 -10.59 -5.86
N TRP A 199 -18.78 -11.63 -6.67
CA TRP A 199 -17.54 -12.13 -7.28
C TRP A 199 -16.78 -11.01 -8.00
N SER A 200 -17.45 -10.32 -8.94
CA SER A 200 -16.86 -9.19 -9.65
C SER A 200 -16.42 -8.03 -8.74
N PHE A 201 -17.20 -7.77 -7.70
CA PHE A 201 -16.79 -6.80 -6.72
C PHE A 201 -15.45 -7.16 -6.07
N GLY A 202 -15.20 -8.46 -5.88
CA GLY A 202 -13.92 -8.91 -5.35
C GLY A 202 -12.78 -8.57 -6.28
N VAL A 203 -13.02 -8.71 -7.58
CA VAL A 203 -12.05 -8.33 -8.61
C VAL A 203 -11.84 -6.81 -8.69
N VAL A 204 -12.89 -6.04 -8.46
CA VAL A 204 -12.78 -4.58 -8.38
C VAL A 204 -11.89 -4.16 -7.21
N LEU A 205 -12.02 -4.88 -6.09
CA LEU A 205 -11.26 -4.62 -4.91
C LEU A 205 -9.78 -4.95 -5.16
N TYR A 206 -9.54 -6.06 -5.83
CA TYR A 206 -8.22 -6.42 -6.31
C TYR A 206 -7.61 -5.32 -7.19
N GLU A 207 -8.38 -4.84 -8.17
CA GLU A 207 -7.94 -3.76 -9.06
C GLU A 207 -7.45 -2.56 -8.26
N LEU A 208 -8.30 -2.08 -7.35
CA LEU A 208 -7.97 -0.92 -6.54
C LEU A 208 -6.66 -1.11 -5.83
N PHE A 209 -6.48 -2.25 -5.18
CA PHE A 209 -5.29 -2.48 -4.37
C PHE A 209 -4.00 -2.71 -5.18
N THR A 210 -4.17 -3.06 -6.45
CA THR A 210 -3.05 -3.07 -7.39
C THR A 210 -2.70 -1.66 -7.90
N TYR A 211 -3.48 -0.66 -7.54
CA TYR A 211 -3.35 0.72 -8.09
C TYR A 211 -3.32 0.81 -9.61
N ILE A 212 -3.90 -0.20 -10.27
CA ILE A 212 -4.00 -0.30 -11.72
C ILE A 212 -2.62 -0.44 -12.38
N GLU A 213 -1.71 -1.14 -11.71
CA GLU A 213 -0.40 -1.43 -12.30
C GLU A 213 -0.57 -2.37 -13.48
N LYS A 214 -0.12 -1.92 -14.65
CA LYS A 214 -0.36 -2.54 -15.96
C LYS A 214 -0.26 -4.06 -16.00
N SER A 215 0.84 -4.58 -15.45
CA SER A 215 1.12 -6.01 -15.46
C SER A 215 0.35 -6.78 -14.38
N LYS A 216 -0.43 -6.07 -13.57
CA LYS A 216 -1.12 -6.65 -12.42
C LYS A 216 -2.63 -6.78 -12.61
N SER A 217 -3.15 -6.21 -13.70
CA SER A 217 -4.58 -6.36 -14.08
C SER A 217 -5.01 -7.82 -14.13
N PRO A 218 -6.31 -8.10 -13.90
CA PRO A 218 -6.79 -9.49 -14.01
C PRO A 218 -6.53 -10.20 -15.36
N PRO A 219 -6.73 -9.52 -16.52
CA PRO A 219 -6.37 -10.15 -17.79
C PRO A 219 -4.91 -10.63 -17.83
N ALA A 220 -3.98 -9.75 -17.45
CA ALA A 220 -2.55 -10.08 -17.46
C ALA A 220 -2.19 -11.21 -16.50
N GLU A 221 -2.78 -11.20 -15.30
CA GLU A 221 -2.53 -12.22 -14.28
C GLU A 221 -3.12 -13.60 -14.58
N PHE A 222 -4.37 -13.67 -15.03
CA PHE A 222 -4.98 -14.93 -15.42
C PHE A 222 -4.34 -15.51 -16.70
N MET A 223 -3.99 -14.64 -17.64
CA MET A 223 -3.26 -15.07 -18.84
C MET A 223 -1.89 -15.66 -18.51
N ARG A 224 -1.16 -15.05 -17.59
CA ARG A 224 0.09 -15.64 -17.10
C ARG A 224 -0.10 -16.98 -16.42
N MET A 225 -1.19 -17.14 -15.69
CA MET A 225 -1.48 -18.38 -14.98
C MET A 225 -1.95 -19.50 -15.91
N ILE A 226 -2.62 -19.12 -16.99
CA ILE A 226 -3.10 -20.04 -18.02
C ILE A 226 -1.98 -20.40 -19.02
N GLY A 227 -1.20 -19.40 -19.40
CA GLY A 227 -0.22 -19.50 -20.46
C GLY A 227 -0.59 -18.51 -21.55
N ASN A 228 0.25 -17.50 -21.72
CA ASN A 228 0.02 -16.45 -22.72
C ASN A 228 -0.10 -16.97 -24.16
N GLY A 232 -7.54 -18.40 -28.08
CA GLY A 232 -8.71 -17.65 -28.52
C GLY A 232 -9.98 -18.13 -27.83
N GLN A 233 -10.54 -19.22 -28.34
CA GLN A 233 -11.72 -19.85 -27.73
C GLN A 233 -11.29 -20.70 -26.53
N MET A 234 -10.03 -21.11 -26.54
CA MET A 234 -9.48 -21.99 -25.50
C MET A 234 -9.26 -21.26 -24.16
N ILE A 235 -9.21 -19.93 -24.21
CA ILE A 235 -8.96 -19.08 -23.03
C ILE A 235 -9.99 -19.28 -21.92
N VAL A 236 -11.27 -19.18 -22.28
CA VAL A 236 -12.37 -19.39 -21.33
C VAL A 236 -12.33 -20.81 -20.73
N PHE A 237 -12.00 -21.81 -21.55
CA PHE A 237 -11.92 -23.20 -21.06
C PHE A 237 -10.84 -23.37 -20.01
N HIS A 238 -9.67 -22.80 -20.28
CA HIS A 238 -8.55 -22.86 -19.35
C HIS A 238 -8.82 -22.01 -18.12
N LEU A 239 -9.51 -20.89 -18.31
CA LEU A 239 -9.94 -20.03 -17.19
C LEU A 239 -10.83 -20.80 -16.23
N ILE A 240 -11.86 -21.45 -16.79
CA ILE A 240 -12.82 -22.24 -16.03
C ILE A 240 -12.13 -23.28 -15.17
N GLU A 241 -11.16 -23.98 -15.76
CA GLU A 241 -10.45 -25.07 -15.08
C GLU A 241 -9.62 -24.53 -13.94
N LEU A 242 -8.95 -23.41 -14.19
CA LEU A 242 -8.10 -22.75 -13.20
C LEU A 242 -8.90 -22.37 -11.96
N LEU A 243 -10.06 -21.75 -12.16
CA LEU A 243 -10.95 -21.35 -11.07
C LEU A 243 -11.55 -22.53 -10.29
N LYS A 244 -11.84 -23.64 -10.99
CA LYS A 244 -12.41 -24.82 -10.35
C LYS A 244 -11.38 -25.46 -9.43
N ASN A 245 -10.11 -25.31 -9.80
CA ASN A 245 -8.98 -25.77 -9.00
C ASN A 245 -8.53 -24.78 -7.91
N ASN A 246 -9.38 -23.79 -7.63
CA ASN A 246 -9.06 -22.71 -6.69
C ASN A 246 -7.83 -21.85 -7.05
N GLY A 247 -7.48 -21.79 -8.34
CA GLY A 247 -6.52 -20.81 -8.82
C GLY A 247 -7.13 -19.42 -8.69
N ARG A 248 -6.36 -18.46 -8.20
CA ARG A 248 -6.87 -17.10 -7.96
C ARG A 248 -5.83 -15.99 -8.06
N LEU A 249 -6.30 -14.80 -8.43
CA LEU A 249 -5.51 -13.57 -8.40
C LEU A 249 -4.70 -13.45 -7.11
N PRO A 250 -3.40 -13.14 -7.24
CA PRO A 250 -2.50 -13.03 -6.09
C PRO A 250 -2.87 -11.82 -5.25
N ARG A 251 -2.55 -11.86 -3.97
CA ARG A 251 -2.68 -10.69 -3.13
C ARG A 251 -1.83 -9.55 -3.73
N PRO A 252 -2.45 -8.37 -3.99
CA PRO A 252 -1.72 -7.20 -4.50
C PRO A 252 -0.60 -6.76 -3.57
N ASP A 253 0.43 -6.12 -4.14
CA ASP A 253 1.53 -5.54 -3.36
C ASP A 253 1.04 -4.57 -2.31
N GLY A 254 1.43 -4.82 -1.06
CA GLY A 254 1.04 -3.95 0.05
C GLY A 254 -0.35 -4.14 0.60
N CYS A 255 -1.16 -4.99 -0.04
CA CYS A 255 -2.50 -5.31 0.45
C CYS A 255 -2.47 -6.03 1.82
N PRO A 256 -3.17 -5.51 2.82
CA PRO A 256 -3.34 -6.24 4.08
C PRO A 256 -3.99 -7.64 3.89
N ASP A 257 -3.62 -8.58 4.76
CA ASP A 257 -4.24 -9.91 4.80
C ASP A 257 -5.75 -9.83 4.94
N GLU A 258 -6.23 -8.90 5.76
CA GLU A 258 -7.66 -8.75 6.00
C GLU A 258 -8.49 -8.20 4.83
N ILE A 259 -7.88 -7.38 3.96
CA ILE A 259 -8.56 -6.91 2.74
C ILE A 259 -8.56 -8.03 1.71
N TYR A 260 -7.44 -8.75 1.64
CA TYR A 260 -7.34 -9.90 0.75
C TYR A 260 -8.27 -11.05 1.18
N MET A 261 -8.58 -11.12 2.48
CA MET A 261 -9.51 -12.13 2.99
C MET A 261 -10.89 -11.86 2.41
N ILE A 262 -11.30 -10.59 2.40
CA ILE A 262 -12.54 -10.14 1.80
C ILE A 262 -12.64 -10.50 0.31
N MET A 263 -11.57 -10.23 -0.44
CA MET A 263 -11.43 -10.64 -1.83
C MET A 263 -11.66 -12.13 -2.01
N THR A 264 -10.91 -12.94 -1.27
CA THR A 264 -10.97 -14.38 -1.43
C THR A 264 -12.35 -14.94 -1.03
N GLU A 265 -13.02 -14.29 -0.09
CA GLU A 265 -14.36 -14.69 0.30
C GLU A 265 -15.37 -14.41 -0.80
N CYS A 266 -15.23 -13.25 -1.45
CA CYS A 266 -15.94 -12.93 -2.67
C CYS A 266 -15.72 -13.94 -3.80
N TRP A 267 -14.52 -14.53 -3.85
CA TRP A 267 -14.17 -15.50 -4.87
C TRP A 267 -14.41 -16.97 -4.46
N ASN A 268 -15.49 -17.21 -3.74
CA ASN A 268 -15.93 -18.56 -3.44
C ASN A 268 -16.55 -19.24 -4.68
N ASN A 269 -16.12 -20.46 -4.97
CA ASN A 269 -16.76 -21.29 -5.98
C ASN A 269 -18.23 -21.60 -5.61
N ASN A 270 -18.49 -21.77 -4.32
CA ASN A 270 -19.86 -21.95 -3.81
C ASN A 270 -20.60 -20.62 -3.74
N VAL A 271 -21.35 -20.35 -4.80
CA VAL A 271 -22.17 -19.16 -4.97
C VAL A 271 -22.82 -18.70 -3.67
N ASN A 272 -23.39 -19.63 -2.92
CA ASN A 272 -24.16 -19.32 -1.72
C ASN A 272 -23.31 -18.88 -0.52
N GLN A 273 -22.02 -19.17 -0.58
CA GLN A 273 -21.13 -18.83 0.54
C GLN A 273 -20.49 -17.44 0.44
N ARG A 274 -20.70 -16.77 -0.69
CA ARG A 274 -20.19 -15.43 -0.92
C ARG A 274 -20.97 -14.46 -0.05
N PRO A 275 -20.28 -13.49 0.59
CA PRO A 275 -20.96 -12.50 1.41
C PRO A 275 -21.99 -11.63 0.65
N SER A 276 -22.90 -11.01 1.38
CA SER A 276 -23.85 -10.09 0.81
C SER A 276 -23.19 -8.71 0.71
N PHE A 277 -23.77 -7.79 -0.04
CA PHE A 277 -23.21 -6.45 -0.16
C PHE A 277 -23.28 -5.67 1.14
N ARG A 278 -24.34 -5.85 1.93
CA ARG A 278 -24.35 -5.14 3.19
C ARG A 278 -23.37 -5.66 4.27
N ASP A 279 -23.03 -6.94 4.21
CA ASP A 279 -21.98 -7.51 5.07
C ASP A 279 -20.59 -7.11 4.61
N LEU A 280 -20.41 -6.96 3.30
CA LEU A 280 -19.18 -6.39 2.75
C LEU A 280 -18.96 -4.96 3.27
N ALA A 281 -20.01 -4.16 3.28
CA ALA A 281 -19.97 -2.77 3.74
C ALA A 281 -19.68 -2.65 5.25
N LEU A 282 -20.16 -3.63 6.02
CA LEU A 282 -19.92 -3.70 7.47
C LEU A 282 -18.48 -4.02 7.76
N ARG A 283 -17.96 -5.02 7.07
CA ARG A 283 -16.58 -5.42 7.23
C ARG A 283 -15.59 -4.33 6.78
N VAL A 284 -15.87 -3.67 5.67
CA VAL A 284 -14.99 -2.64 5.13
C VAL A 284 -15.00 -1.41 6.04
N ASP A 285 -16.19 -0.98 6.45
CA ASP A 285 -16.36 0.17 7.36
C ASP A 285 -15.73 -0.08 8.72
N GLN A 286 -15.70 -1.34 9.14
CA GLN A 286 -15.05 -1.76 10.38
C GLN A 286 -13.53 -1.69 10.24
N ILE A 287 -13.02 -2.16 9.10
CA ILE A 287 -11.59 -2.07 8.79
C ILE A 287 -11.13 -0.60 8.69
N ARG A 288 -11.98 0.24 8.12
CA ARG A 288 -11.71 1.68 7.98
C ARG A 288 -11.53 2.35 9.34
N ASP A 289 -12.47 2.09 10.25
CA ASP A 289 -12.45 2.66 11.60
C ASP A 289 -11.27 2.14 12.43
N GLN A 290 -10.84 0.91 12.16
CA GLN A 290 -9.68 0.32 12.85
C GLN A 290 -8.35 0.76 12.21
N MET A 291 -8.44 1.57 11.16
CA MET A 291 -7.26 2.18 10.55
C MET A 291 -7.17 3.64 10.97
N ALA A 292 -8.32 4.21 11.30
CA ALA A 292 -8.43 5.59 11.76
C ALA A 292 -8.34 5.66 13.29
N GLY A 293 -9.39 5.16 13.95
CA GLY A 293 -9.47 5.15 15.41
C GLY A 293 -9.15 3.79 16.02
N ASP B 1 17.90 11.43 42.89
CA ASP B 1 17.28 11.32 41.53
C ASP B 1 18.15 10.50 40.59
N PRO B 2 17.70 9.26 40.26
CA PRO B 2 18.48 8.34 39.43
C PRO B 2 18.60 8.75 37.96
N THR B 3 17.69 9.61 37.49
CA THR B 3 17.68 10.10 36.09
C THR B 3 18.66 11.28 35.87
N GLN B 4 19.39 11.61 36.93
CA GLN B 4 20.41 12.66 36.89
C GLN B 4 21.75 12.03 37.20
N PHE B 5 22.67 12.14 36.25
CA PHE B 5 24.00 11.57 36.44
C PHE B 5 25.06 12.66 36.63
N GLU B 6 25.98 12.42 37.55
CA GLU B 6 27.08 13.34 37.82
C GLU B 6 28.30 12.93 37.03
N GLU B 7 28.85 13.88 36.30
CA GLU B 7 30.02 13.67 35.44
C GLU B 7 31.24 13.14 36.21
N ARG B 8 31.38 13.55 37.47
CA ARG B 8 32.51 13.12 38.30
C ARG B 8 32.51 11.62 38.62
N HIS B 9 31.31 11.06 38.81
CA HIS B 9 31.14 9.64 39.14
C HIS B 9 31.19 8.72 37.91
N LEU B 10 31.09 9.32 36.72
CA LEU B 10 31.05 8.58 35.47
C LEU B 10 32.45 8.13 35.03
N LYS B 11 32.78 6.88 35.36
CA LYS B 11 34.10 6.32 35.06
C LYS B 11 34.11 5.73 33.65
N PHE B 12 35.05 6.22 32.84
CA PHE B 12 35.19 5.79 31.46
C PHE B 12 35.73 4.37 31.42
N LEU B 13 35.14 3.51 30.57
CA LEU B 13 35.59 2.13 30.44
C LEU B 13 36.10 1.81 29.04
N GLN B 14 35.27 2.04 28.03
CA GLN B 14 35.71 1.92 26.61
C GLN B 14 34.88 2.76 25.64
N GLN B 15 35.43 2.92 24.44
CA GLN B 15 34.76 3.55 23.32
C GLN B 15 33.87 2.53 22.60
N LEU B 16 32.63 2.91 22.28
CA LEU B 16 31.69 1.98 21.64
C LEU B 16 31.40 2.30 20.16
N GLY B 17 31.70 3.51 19.73
CA GLY B 17 31.47 3.87 18.34
C GLY B 17 31.33 5.36 18.14
N LYS B 18 31.74 5.81 16.97
CA LYS B 18 31.81 7.23 16.68
C LYS B 18 31.17 7.45 15.33
N GLY B 19 30.34 8.48 15.24
CA GLY B 19 29.59 8.74 14.02
C GLY B 19 30.04 10.02 13.34
N ASN B 20 29.12 10.62 12.58
CA ASN B 20 29.37 11.85 11.87
C ASN B 20 29.75 13.00 12.83
N PHE B 21 29.03 13.09 13.95
CA PHE B 21 29.17 14.21 14.89
C PHE B 21 28.82 13.84 16.34
N GLY B 22 28.65 12.55 16.61
CA GLY B 22 28.47 12.07 17.97
C GLY B 22 29.19 10.76 18.22
N SER B 23 29.42 10.44 19.48
CA SER B 23 29.97 9.14 19.85
C SER B 23 29.30 8.53 21.07
N VAL B 24 29.49 7.23 21.25
CA VAL B 24 28.95 6.48 22.40
C VAL B 24 30.10 5.78 23.12
N GLU B 25 30.14 5.92 24.45
CA GLU B 25 31.17 5.34 25.33
C GLU B 25 30.53 4.38 26.32
N MET B 26 31.30 3.40 26.79
CA MET B 26 30.92 2.54 27.91
C MET B 26 31.51 3.14 29.19
N CYS B 27 30.68 3.24 30.23
CA CYS B 27 31.06 3.85 31.51
C CYS B 27 30.47 3.13 32.72
N ARG B 28 31.11 3.28 33.87
CA ARG B 28 30.53 2.84 35.12
C ARG B 28 30.12 4.06 35.94
N TYR B 29 28.85 4.11 36.32
CA TYR B 29 28.41 5.12 37.26
C TYR B 29 28.65 4.59 38.67
N ASP B 30 29.76 5.02 39.25
CA ASP B 30 30.25 4.48 40.51
C ASP B 30 30.43 5.60 41.55
N PRO B 31 29.32 6.06 42.14
CA PRO B 31 29.41 7.10 43.17
C PRO B 31 30.18 6.64 44.41
N LEU B 32 30.13 5.34 44.70
CA LEU B 32 30.76 4.75 45.90
C LEU B 32 32.23 4.42 45.68
N GLN B 33 32.67 4.46 44.41
CA GLN B 33 34.06 4.22 44.03
C GLN B 33 34.57 2.80 44.30
N ASP B 34 33.66 1.89 44.64
CA ASP B 34 34.02 0.50 44.97
C ASP B 34 33.65 -0.50 43.88
N ASN B 35 33.44 -0.01 42.66
CA ASN B 35 33.13 -0.84 41.47
C ASN B 35 31.77 -1.53 41.46
N THR B 36 30.89 -1.18 42.40
CA THR B 36 29.55 -1.79 42.45
C THR B 36 28.53 -1.00 41.63
N GLY B 37 28.99 0.12 41.06
CA GLY B 37 28.14 0.95 40.20
C GLY B 37 27.78 0.30 38.88
N GLU B 38 26.61 0.67 38.35
CA GLU B 38 26.08 0.02 37.16
C GLU B 38 26.76 0.54 35.89
N VAL B 39 27.00 -0.35 34.94
CA VAL B 39 27.59 0.03 33.67
C VAL B 39 26.51 0.56 32.73
N VAL B 40 26.80 1.70 32.11
CA VAL B 40 25.87 2.39 31.22
C VAL B 40 26.52 2.69 29.87
N ALA B 41 25.70 2.98 28.87
CA ALA B 41 26.19 3.57 27.63
C ALA B 41 26.00 5.10 27.67
N VAL B 42 27.02 5.83 27.21
CA VAL B 42 27.00 7.29 27.26
C VAL B 42 27.18 7.86 25.86
N LYS B 43 26.18 8.61 25.40
CA LYS B 43 26.24 9.28 24.10
C LYS B 43 26.45 10.80 24.24
N LYS B 44 27.34 11.34 23.43
CA LYS B 44 27.65 12.76 23.44
C LYS B 44 27.90 13.29 22.02
N LEU B 45 27.79 14.60 21.85
CA LEU B 45 28.08 15.25 20.57
C LEU B 45 29.57 15.54 20.44
N GLN B 46 30.08 15.47 19.21
CA GLN B 46 31.47 15.79 18.90
C GLN B 46 31.56 17.17 18.28
N HIS B 47 30.46 17.61 17.68
CA HIS B 47 30.39 18.88 16.98
C HIS B 47 29.16 19.67 17.48
N SER B 48 29.35 20.35 18.61
CA SER B 48 28.26 21.03 19.30
C SER B 48 27.83 22.40 18.72
N THR B 49 27.45 22.43 17.43
CA THR B 49 26.82 23.63 16.85
C THR B 49 25.42 23.83 17.46
N GLU B 50 24.82 24.99 17.21
CA GLU B 50 23.52 25.32 17.80
C GLU B 50 22.44 24.34 17.36
N GLU B 51 22.50 23.95 16.08
CA GLU B 51 21.52 23.02 15.49
C GLU B 51 21.71 21.56 15.92
N HIS B 52 22.95 21.11 16.10
CA HIS B 52 23.21 19.76 16.61
C HIS B 52 22.74 19.65 18.06
N LEU B 53 22.93 20.72 18.83
CA LEU B 53 22.50 20.74 20.23
C LEU B 53 20.97 20.67 20.38
N ARG B 54 20.24 21.37 19.50
CA ARG B 54 18.77 21.29 19.53
C ARG B 54 18.30 19.90 19.11
N ASP B 55 18.92 19.34 18.08
CA ASP B 55 18.61 17.98 17.62
C ASP B 55 18.86 16.92 18.69
N PHE B 56 19.95 17.08 19.44
CA PHE B 56 20.37 16.14 20.49
C PHE B 56 19.44 16.20 21.69
N GLU B 57 18.98 17.41 22.01
CA GLU B 57 17.98 17.62 23.07
C GLU B 57 16.66 16.90 22.75
N ARG B 58 16.27 16.98 21.47
CA ARG B 58 15.10 16.28 20.96
C ARG B 58 15.32 14.77 20.84
N GLU B 59 16.54 14.33 20.56
CA GLU B 59 16.83 12.90 20.52
C GLU B 59 16.63 12.28 21.90
N ILE B 60 17.04 13.03 22.92
CA ILE B 60 16.87 12.63 24.31
C ILE B 60 15.40 12.54 24.71
N GLU B 61 14.60 13.57 24.37
CA GLU B 61 13.17 13.58 24.72
C GLU B 61 12.45 12.39 24.09
N ILE B 62 12.76 12.15 22.81
CA ILE B 62 12.29 11.00 22.07
C ILE B 62 12.64 9.67 22.75
N LEU B 63 13.91 9.47 23.10
CA LEU B 63 14.32 8.20 23.71
C LEU B 63 13.68 8.00 25.07
N LYS B 64 13.55 9.10 25.82
CA LYS B 64 12.92 9.12 27.13
C LYS B 64 11.43 8.71 27.04
N SER B 65 10.75 9.14 25.98
CA SER B 65 9.34 8.85 25.80
C SER B 65 9.04 7.39 25.36
N LEU B 66 10.08 6.62 25.03
CA LEU B 66 9.91 5.27 24.47
C LEU B 66 10.15 4.16 25.47
N GLN B 67 9.08 3.44 25.85
CA GLN B 67 9.20 2.29 26.75
C GLN B 67 8.78 1.00 26.03
N HIS B 68 9.76 0.20 25.60
CA HIS B 68 9.52 -1.01 24.80
C HIS B 68 10.67 -2.02 24.95
N ASP B 69 10.33 -3.32 25.00
CA ASP B 69 11.31 -4.41 25.12
C ASP B 69 12.35 -4.41 23.98
N ASN B 70 11.95 -3.82 22.85
CA ASN B 70 12.76 -3.84 21.64
C ASN B 70 13.28 -2.45 21.28
N ILE B 71 13.35 -1.60 22.30
CA ILE B 71 13.95 -0.27 22.21
C ILE B 71 14.89 -0.05 23.39
N VAL B 72 16.15 0.28 23.08
CA VAL B 72 17.17 0.59 24.11
C VAL B 72 16.66 1.51 25.22
N LYS B 73 16.98 1.16 26.45
CA LYS B 73 16.49 1.89 27.62
C LYS B 73 17.23 3.20 27.85
N TYR B 74 16.45 4.25 27.99
CA TYR B 74 16.89 5.52 28.51
C TYR B 74 17.11 5.39 30.01
N LYS B 75 18.31 5.73 30.49
CA LYS B 75 18.55 5.80 31.93
C LYS B 75 18.54 7.24 32.49
N GLY B 76 19.10 8.19 31.75
CA GLY B 76 19.07 9.59 32.15
C GLY B 76 20.00 10.54 31.41
N VAL B 77 20.27 11.68 32.01
CA VAL B 77 21.18 12.66 31.42
C VAL B 77 22.31 13.06 32.33
N CYS B 78 23.33 13.62 31.69
CA CYS B 78 24.49 14.15 32.37
C CYS B 78 24.85 15.50 31.75
N TYR B 79 24.75 16.55 32.54
CA TYR B 79 25.26 17.88 32.15
C TYR B 79 26.22 18.48 33.16
N SER B 80 27.21 19.22 32.66
CA SER B 80 28.11 20.01 33.51
C SER B 80 27.67 21.48 33.49
N ASN B 85 27.77 20.34 29.04
CA ASN B 85 27.97 19.51 27.84
C ASN B 85 27.16 18.23 27.93
N LEU B 86 25.91 18.32 27.46
CA LEU B 86 24.88 17.31 27.61
C LEU B 86 25.29 15.92 27.14
N LYS B 87 25.08 14.93 28.01
CA LYS B 87 25.33 13.54 27.64
C LYS B 87 24.09 12.68 27.90
N LEU B 88 23.87 11.70 27.04
CA LEU B 88 22.70 10.83 27.16
C LEU B 88 23.10 9.48 27.73
N ILE B 89 22.54 9.16 28.88
CA ILE B 89 22.80 7.88 29.55
C ILE B 89 21.77 6.81 29.12
N MET B 90 22.24 5.63 28.78
CA MET B 90 21.39 4.52 28.31
C MET B 90 21.87 3.23 28.93
N GLU B 91 21.01 2.20 28.92
CA GLU B 91 21.47 0.85 29.33
C GLU B 91 22.58 0.43 28.39
N TYR B 92 23.56 -0.29 28.91
CA TYR B 92 24.63 -0.85 28.10
C TYR B 92 24.30 -2.30 27.70
N LEU B 93 24.57 -2.66 26.45
CA LEU B 93 24.31 -3.99 25.92
C LEU B 93 25.60 -4.60 25.36
N PRO B 94 26.20 -5.57 26.11
CA PRO B 94 27.51 -6.15 25.79
C PRO B 94 27.63 -6.81 24.42
N TYR B 95 26.55 -7.42 23.93
CA TYR B 95 26.65 -8.15 22.66
C TYR B 95 26.85 -7.23 21.46
N GLY B 96 26.43 -5.97 21.61
CA GLY B 96 26.68 -4.94 20.59
C GLY B 96 25.73 -4.99 19.42
N SER B 97 26.23 -4.55 18.27
CA SER B 97 25.36 -4.35 17.12
C SER B 97 25.07 -5.66 16.41
N LEU B 98 23.82 -5.79 15.96
CA LEU B 98 23.39 -6.93 15.17
C LEU B 98 24.26 -7.12 13.93
N ARG B 99 24.69 -6.01 13.31
CA ARG B 99 25.61 -6.08 12.16
C ARG B 99 26.86 -6.92 12.50
N ASP B 100 27.55 -6.57 13.57
CA ASP B 100 28.73 -7.33 13.99
C ASP B 100 28.40 -8.73 14.50
N TYR B 101 27.34 -8.86 15.28
CA TYR B 101 26.91 -10.13 15.84
C TYR B 101 26.58 -11.20 14.78
N LEU B 102 25.93 -10.77 13.70
CA LEU B 102 25.42 -11.68 12.71
C LEU B 102 26.51 -12.45 11.98
N GLN B 103 27.55 -11.73 11.53
CA GLN B 103 28.64 -12.37 10.76
C GLN B 103 29.44 -13.40 11.56
N LYS B 104 29.61 -13.19 12.86
CA LYS B 104 30.38 -14.15 13.68
C LYS B 104 29.57 -15.30 14.27
N HIS B 105 28.24 -15.24 14.18
CA HIS B 105 27.41 -16.31 14.71
C HIS B 105 26.54 -16.92 13.62
N LYS B 106 26.96 -16.71 12.37
CA LYS B 106 26.16 -17.08 11.22
C LYS B 106 25.93 -18.59 11.07
N GLU B 107 26.84 -19.40 11.61
CA GLU B 107 26.70 -20.85 11.61
C GLU B 107 25.62 -21.32 12.61
N ARG B 108 25.39 -20.50 13.63
CA ARG B 108 24.39 -20.75 14.66
C ARG B 108 23.05 -20.13 14.31
N ILE B 109 23.08 -19.05 13.54
CA ILE B 109 21.88 -18.26 13.30
C ILE B 109 21.08 -18.75 12.09
N ASP B 110 19.99 -19.44 12.41
CA ASP B 110 19.02 -20.01 11.50
C ASP B 110 18.20 -18.93 10.78
N HIS B 111 17.54 -19.27 9.66
CA HIS B 111 16.56 -18.35 9.05
C HIS B 111 15.40 -18.03 9.99
N ILE B 112 14.92 -19.03 10.74
CA ILE B 112 13.84 -18.80 11.69
C ILE B 112 14.28 -17.87 12.83
N LYS B 113 15.53 -17.97 13.24
CA LYS B 113 16.11 -17.05 14.18
C LYS B 113 16.21 -15.65 13.58
N LEU B 114 16.62 -15.54 12.32
CA LEU B 114 16.55 -14.26 11.60
C LEU B 114 15.13 -13.63 11.62
N LEU B 115 14.10 -14.45 11.46
CA LEU B 115 12.71 -13.98 11.46
C LEU B 115 12.23 -13.61 12.86
N GLN B 116 12.74 -14.27 13.88
CA GLN B 116 12.52 -13.82 15.25
C GLN B 116 13.13 -12.40 15.49
N TYR B 117 14.36 -12.15 15.03
CA TYR B 117 14.91 -10.80 15.05
C TYR B 117 14.05 -9.83 14.26
N THR B 118 13.76 -10.18 13.02
CA THR B 118 12.91 -9.36 12.13
C THR B 118 11.59 -8.95 12.79
N SER B 119 10.92 -9.91 13.43
CA SER B 119 9.62 -9.62 14.01
C SER B 119 9.74 -8.70 15.24
N GLN B 120 10.83 -8.78 15.97
CA GLN B 120 11.10 -7.81 17.04
C GLN B 120 11.34 -6.38 16.52
N ILE B 121 12.02 -6.23 15.37
CA ILE B 121 12.20 -4.92 14.74
C ILE B 121 10.87 -4.32 14.29
N CYS B 122 10.02 -5.12 13.63
CA CYS B 122 8.67 -4.67 13.24
C CYS B 122 7.88 -4.12 14.41
N LYS B 123 7.94 -4.83 15.52
CA LYS B 123 7.21 -4.47 16.73
C LYS B 123 7.69 -3.18 17.36
N GLY B 124 9.01 -2.94 17.34
CA GLY B 124 9.56 -1.67 17.79
C GLY B 124 9.18 -0.56 16.85
N MET B 125 9.21 -0.84 15.55
CA MET B 125 8.79 0.15 14.54
C MET B 125 7.30 0.51 14.64
N GLU B 126 6.47 -0.48 14.94
CA GLU B 126 5.02 -0.29 15.10
C GLU B 126 4.78 0.64 16.28
N TYR B 127 5.49 0.39 17.38
CA TYR B 127 5.44 1.23 18.55
C TYR B 127 5.82 2.70 18.27
N LEU B 128 6.90 2.92 17.52
CA LEU B 128 7.30 4.26 17.08
C LEU B 128 6.20 4.96 16.31
N GLY B 129 5.48 4.21 15.48
CA GLY B 129 4.40 4.75 14.67
C GLY B 129 3.18 5.16 15.48
N THR B 130 2.96 4.53 16.63
CA THR B 130 1.91 4.98 17.56
C THR B 130 2.27 6.32 18.23
N LYS B 131 3.54 6.74 18.11
CA LYS B 131 4.00 7.99 18.68
C LYS B 131 4.22 9.00 17.57
N ARG B 132 4.01 8.57 16.33
CA ARG B 132 4.24 9.40 15.14
C ARG B 132 5.73 9.78 14.97
N TYR B 133 6.61 8.92 15.47
CA TYR B 133 8.06 9.05 15.30
C TYR B 133 8.50 8.37 14.01
N ILE B 134 9.33 9.07 13.24
CA ILE B 134 9.95 8.52 12.04
C ILE B 134 11.45 8.30 12.35
N HIS B 135 11.91 7.06 12.20
CA HIS B 135 13.26 6.71 12.63
C HIS B 135 14.34 7.28 11.70
N ARG B 136 14.16 7.07 10.41
CA ARG B 136 15.00 7.68 9.37
C ARG B 136 16.35 6.99 9.15
N ASP B 137 16.68 6.02 9.99
CA ASP B 137 18.00 5.42 9.99
C ASP B 137 18.00 3.95 10.44
N LEU B 138 17.05 3.17 9.94
CA LEU B 138 17.05 1.73 10.20
C LEU B 138 18.14 1.07 9.38
N ALA B 139 18.98 0.29 10.08
CA ALA B 139 20.11 -0.43 9.52
C ALA B 139 20.56 -1.33 10.64
N THR B 140 21.16 -2.48 10.32
CA THR B 140 21.60 -3.43 11.34
C THR B 140 22.68 -2.84 12.25
N ARG B 141 23.42 -1.85 11.75
CA ARG B 141 24.43 -1.15 12.57
C ARG B 141 23.81 -0.43 13.77
N ASN B 142 22.53 -0.09 13.64
CA ASN B 142 21.78 0.63 14.67
C ASN B 142 20.90 -0.24 15.51
N ILE B 143 20.98 -1.55 15.29
CA ILE B 143 20.18 -2.49 16.05
C ILE B 143 21.13 -3.21 16.97
N LEU B 144 20.70 -3.37 18.21
CA LEU B 144 21.53 -3.94 19.25
C LEU B 144 20.99 -5.30 19.67
N VAL B 145 21.91 -6.20 20.02
CA VAL B 145 21.59 -7.54 20.47
C VAL B 145 21.64 -7.56 22.01
N GLU B 146 20.48 -7.70 22.66
CA GLU B 146 20.50 -7.95 24.09
C GLU B 146 20.92 -9.37 24.48
N ASN B 147 20.42 -10.38 23.78
CA ASN B 147 20.96 -11.74 23.85
C ASN B 147 20.66 -12.46 22.54
N GLU B 148 20.93 -13.76 22.49
CA GLU B 148 20.71 -14.55 21.27
C GLU B 148 19.24 -14.52 20.83
N ASN B 149 18.33 -14.19 21.75
CA ASN B 149 16.90 -14.16 21.44
C ASN B 149 16.25 -12.79 21.35
N ARG B 150 16.99 -11.72 21.60
CA ARG B 150 16.39 -10.40 21.71
C ARG B 150 17.24 -9.28 21.11
N VAL B 151 16.63 -8.51 20.21
CA VAL B 151 17.27 -7.32 19.65
C VAL B 151 16.53 -6.04 20.06
N LYS B 152 17.23 -4.91 19.97
CA LYS B 152 16.64 -3.62 20.32
C LYS B 152 17.09 -2.58 19.32
N ILE B 153 16.18 -1.73 18.89
CA ILE B 153 16.55 -0.54 18.13
C ILE B 153 17.37 0.38 19.05
N GLY B 154 18.59 0.71 18.63
CA GLY B 154 19.58 1.26 19.55
C GLY B 154 20.08 2.68 19.34
N ASP B 155 19.60 3.34 18.30
CA ASP B 155 19.97 4.72 18.03
C ASP B 155 18.84 5.49 17.37
N PHE B 156 18.59 6.71 17.87
CA PHE B 156 17.47 7.52 17.45
C PHE B 156 17.92 8.94 17.11
N GLY B 157 19.18 9.04 16.69
CA GLY B 157 19.83 10.32 16.37
C GLY B 157 19.15 11.14 15.28
N LEU B 158 18.46 10.47 14.36
CA LEU B 158 17.85 11.11 13.21
C LEU B 158 16.32 11.13 13.29
N THR B 159 15.79 10.65 14.41
CA THR B 159 14.35 10.44 14.58
C THR B 159 13.60 11.74 14.68
N LYS B 160 12.58 11.86 13.84
CA LYS B 160 11.70 13.01 13.79
C LYS B 160 10.32 12.66 14.31
N VAL B 161 9.57 13.68 14.71
CA VAL B 161 8.15 13.56 14.98
C VAL B 161 7.40 14.09 13.76
N LEU B 162 6.43 13.33 13.28
CA LEU B 162 5.49 13.81 12.28
C LEU B 162 4.73 15.07 12.75
N PRO B 163 4.56 16.07 11.87
CA PRO B 163 3.62 17.15 12.21
C PRO B 163 2.23 16.55 12.35
N GLN B 164 1.40 17.13 13.21
CA GLN B 164 0.04 16.59 13.46
C GLN B 164 -0.83 16.54 12.20
N ASP B 165 -0.69 17.55 11.35
CA ASP B 165 -1.38 17.61 10.07
C ASP B 165 -0.86 16.57 9.05
N LYS B 166 0.39 16.74 8.62
CA LYS B 166 0.98 15.95 7.53
C LYS B 166 1.37 14.52 7.92
N GLU B 167 1.52 13.67 6.91
CA GLU B 167 1.96 12.28 7.13
C GLU B 167 3.38 12.04 6.62
N PTR B 168 4.09 13.14 6.33
CA PTR B 168 5.51 13.09 5.99
C PTR B 168 6.27 14.22 6.69
O PTR B 168 5.65 15.09 7.31
CB PTR B 168 5.73 13.03 4.46
CG PTR B 168 5.26 14.25 3.68
CD1 PTR B 168 4.04 14.24 3.01
CD2 PTR B 168 6.04 15.40 3.60
CE1 PTR B 168 3.61 15.35 2.28
CE2 PTR B 168 5.62 16.51 2.88
CZ PTR B 168 4.41 16.47 2.20
OH PTR B 168 4.04 17.46 1.57
P PTR B 168 4.05 17.59 -0.05
O1P PTR B 168 4.20 19.02 -0.39
O2P PTR B 168 2.70 17.05 -0.59
O3P PTR B 168 5.21 16.82 -0.71
N PTR B 169 7.59 14.20 6.56
CA PTR B 169 8.48 15.23 7.11
C PTR B 169 9.62 15.49 6.14
O PTR B 169 10.34 14.57 5.75
CB PTR B 169 9.06 14.75 8.46
CG PTR B 169 9.55 15.86 9.37
CD1 PTR B 169 10.63 16.67 9.02
CD2 PTR B 169 8.93 16.08 10.58
CE1 PTR B 169 11.06 17.68 9.87
CE2 PTR B 169 9.35 17.09 11.44
CZ PTR B 169 10.42 17.88 11.09
OH PTR B 169 10.71 18.77 11.92
P PTR B 169 12.11 19.57 12.13
O1P PTR B 169 12.90 19.77 10.81
O2P PTR B 169 11.71 20.93 12.73
O3P PTR B 169 12.93 18.81 13.11
N LYS B 170 9.80 16.75 5.75
CA LYS B 170 10.96 17.14 4.96
C LYS B 170 12.12 17.60 5.85
N VAL B 171 13.30 17.08 5.60
CA VAL B 171 14.49 17.42 6.39
C VAL B 171 15.62 17.95 5.50
N LYS B 172 16.28 19.01 5.96
CA LYS B 172 17.46 19.56 5.28
C LYS B 172 18.73 19.09 5.98
N GLU B 173 19.78 18.81 5.20
CA GLU B 173 21.03 18.28 5.76
C GLU B 173 22.29 18.99 5.25
N PRO B 174 23.21 19.31 6.18
CA PRO B 174 24.62 19.60 5.85
C PRO B 174 25.49 18.33 5.72
N GLY B 175 25.18 17.31 6.51
CA GLY B 175 25.99 16.08 6.57
C GLY B 175 25.52 14.92 5.69
N GLU B 176 26.33 13.86 5.67
CA GLU B 176 26.07 12.69 4.82
C GLU B 176 24.86 11.88 5.28
N SER B 177 24.30 11.11 4.33
CA SER B 177 23.12 10.31 4.61
C SER B 177 23.33 8.86 4.14
N PRO B 178 22.66 7.91 4.80
CA PRO B 178 22.70 6.51 4.35
C PRO B 178 21.82 6.25 3.12
N ILE B 179 22.26 6.79 1.98
CA ILE B 179 21.47 6.83 0.75
C ILE B 179 21.08 5.46 0.20
N PHE B 180 21.85 4.44 0.56
CA PHE B 180 21.58 3.08 0.10
C PHE B 180 20.52 2.36 0.97
N TRP B 181 20.07 3.06 2.03
CA TRP B 181 18.96 2.61 2.88
C TRP B 181 17.70 3.45 2.64
N TYR B 182 17.84 4.44 1.77
CA TYR B 182 16.85 5.50 1.55
C TYR B 182 15.82 5.16 0.48
N ALA B 183 14.56 5.47 0.78
CA ALA B 183 13.49 5.41 -0.21
C ALA B 183 13.70 6.46 -1.32
N PRO B 184 13.18 6.22 -2.53
CA PRO B 184 13.29 7.19 -3.62
C PRO B 184 12.79 8.60 -3.27
N GLU B 185 11.69 8.71 -2.53
CA GLU B 185 11.15 10.04 -2.17
C GLU B 185 12.02 10.81 -1.16
N SER B 186 12.82 10.08 -0.38
CA SER B 186 13.80 10.66 0.56
C SER B 186 15.02 11.20 -0.18
N LEU B 187 15.43 10.48 -1.21
CA LEU B 187 16.52 10.85 -2.08
C LEU B 187 16.22 12.11 -2.90
N THR B 188 15.06 12.13 -3.54
CA THR B 188 14.68 13.16 -4.51
C THR B 188 14.01 14.37 -3.87
N GLU B 189 13.35 14.17 -2.72
CA GLU B 189 12.55 15.23 -2.09
C GLU B 189 12.84 15.39 -0.59
N SER B 190 13.72 14.56 -0.03
CA SER B 190 13.91 14.54 1.43
C SER B 190 12.62 14.35 2.24
N LYS B 191 11.67 13.63 1.69
CA LYS B 191 10.43 13.26 2.38
C LYS B 191 10.65 12.00 3.21
N PHE B 192 10.30 12.08 4.49
CA PHE B 192 10.41 10.94 5.37
C PHE B 192 9.10 10.65 6.05
N SER B 193 8.76 9.37 6.13
CA SER B 193 7.45 8.93 6.56
C SER B 193 7.55 7.51 7.06
N VAL B 194 6.46 7.00 7.62
CA VAL B 194 6.40 5.59 8.02
C VAL B 194 6.77 4.66 6.86
N ALA B 195 6.40 5.06 5.64
CA ALA B 195 6.61 4.26 4.44
C ALA B 195 8.05 4.29 3.93
N SER B 196 8.79 5.36 4.20
CA SER B 196 10.22 5.35 3.89
C SER B 196 10.97 4.50 4.94
N ASP B 197 10.46 4.49 6.18
CA ASP B 197 10.93 3.57 7.22
C ASP B 197 10.71 2.09 6.86
N VAL B 198 9.56 1.79 6.25
CA VAL B 198 9.26 0.45 5.72
C VAL B 198 10.22 0.11 4.56
N TRP B 199 10.50 1.07 3.70
CA TRP B 199 11.53 0.89 2.70
C TRP B 199 12.87 0.47 3.37
N SER B 200 13.36 1.29 4.29
CA SER B 200 14.61 0.98 5.01
C SER B 200 14.59 -0.38 5.71
N PHE B 201 13.46 -0.73 6.33
CA PHE B 201 13.26 -2.05 6.92
C PHE B 201 13.46 -3.23 5.94
N GLY B 202 12.98 -3.10 4.71
CA GLY B 202 13.26 -4.09 3.69
C GLY B 202 14.74 -4.29 3.41
N VAL B 203 15.53 -3.21 3.58
CA VAL B 203 16.98 -3.26 3.37
C VAL B 203 17.67 -3.91 4.56
N VAL B 204 17.12 -3.66 5.75
CA VAL B 204 17.52 -4.34 6.99
C VAL B 204 17.28 -5.85 6.85
N LEU B 205 16.11 -6.22 6.36
CA LEU B 205 15.75 -7.61 6.13
C LEU B 205 16.71 -8.25 5.13
N TYR B 206 17.03 -7.51 4.08
CA TYR B 206 18.08 -7.90 3.12
C TYR B 206 19.46 -8.09 3.81
N GLU B 207 19.89 -7.14 4.62
CA GLU B 207 21.18 -7.25 5.34
C GLU B 207 21.23 -8.51 6.17
N LEU B 208 20.13 -8.77 6.89
CA LEU B 208 20.01 -9.99 7.71
C LEU B 208 20.25 -11.26 6.91
N PHE B 209 19.62 -11.36 5.74
CA PHE B 209 19.69 -12.56 4.92
C PHE B 209 20.97 -12.72 4.10
N THR B 210 21.77 -11.66 4.01
CA THR B 210 23.15 -11.75 3.50
C THR B 210 24.13 -12.23 4.57
N TYR B 211 23.72 -12.11 5.84
CA TYR B 211 24.58 -12.43 7.00
C TYR B 211 25.77 -11.48 7.15
N ILE B 212 25.62 -10.29 6.56
CA ILE B 212 26.65 -9.25 6.49
C ILE B 212 27.95 -9.71 5.78
N GLU B 213 27.80 -10.58 4.78
CA GLU B 213 28.91 -10.90 3.88
C GLU B 213 29.32 -9.62 3.12
N LYS B 214 30.59 -9.22 3.25
CA LYS B 214 31.06 -7.86 2.87
C LYS B 214 30.72 -7.38 1.45
N SER B 215 30.87 -8.28 0.49
CA SER B 215 30.63 -7.97 -0.91
C SER B 215 29.14 -7.90 -1.26
N LYS B 216 28.28 -8.10 -0.25
CA LYS B 216 26.83 -8.19 -0.43
C LYS B 216 26.08 -7.04 0.23
N SER B 217 26.83 -6.11 0.84
CA SER B 217 26.25 -4.93 1.48
C SER B 217 25.51 -4.10 0.44
N PRO B 218 24.41 -3.42 0.84
CA PRO B 218 23.71 -2.54 -0.10
C PRO B 218 24.61 -1.53 -0.84
N PRO B 219 25.54 -0.82 -0.13
CA PRO B 219 26.49 0.03 -0.87
C PRO B 219 27.26 -0.72 -1.95
N ALA B 220 27.85 -1.85 -1.62
CA ALA B 220 28.58 -2.64 -2.61
C ALA B 220 27.68 -3.14 -3.75
N GLU B 221 26.49 -3.61 -3.42
CA GLU B 221 25.56 -4.12 -4.44
C GLU B 221 25.01 -3.01 -5.36
N PHE B 222 24.58 -1.89 -4.78
CA PHE B 222 24.13 -0.75 -5.58
C PHE B 222 25.30 -0.15 -6.39
N MET B 223 26.47 -0.02 -5.77
CA MET B 223 27.67 0.46 -6.47
C MET B 223 28.05 -0.39 -7.69
N ARG B 224 27.87 -1.70 -7.60
CA ARG B 224 28.13 -2.59 -8.73
C ARG B 224 27.12 -2.37 -9.86
N MET B 225 25.83 -2.30 -9.54
CA MET B 225 24.81 -2.15 -10.59
C MET B 225 24.70 -0.71 -11.14
N ILE B 226 25.17 0.26 -10.35
CA ILE B 226 25.34 1.64 -10.80
C ILE B 226 26.61 1.75 -11.65
N GLY B 227 27.66 1.05 -11.22
CA GLY B 227 28.99 1.13 -11.83
C GLY B 227 29.96 1.76 -10.84
N ASN B 228 31.00 1.02 -10.47
CA ASN B 228 32.05 1.53 -9.58
C ASN B 228 32.91 2.61 -10.25
N ASP B 229 33.00 2.52 -11.57
CA ASP B 229 33.60 3.57 -12.39
C ASP B 229 32.54 4.64 -12.62
N LYS B 230 32.47 5.57 -11.68
CA LYS B 230 31.43 6.60 -11.64
C LYS B 230 31.97 7.88 -11.02
N GLN B 233 29.31 13.10 -6.74
CA GLN B 233 27.99 13.58 -6.32
C GLN B 233 26.90 13.00 -7.22
N MET B 234 27.33 12.31 -8.27
CA MET B 234 26.45 11.67 -9.24
C MET B 234 25.87 10.34 -8.77
N ILE B 235 26.55 9.68 -7.82
CA ILE B 235 26.08 8.43 -7.23
C ILE B 235 24.58 8.50 -6.88
N VAL B 236 24.19 9.51 -6.10
CA VAL B 236 22.78 9.74 -5.76
C VAL B 236 21.88 9.77 -7.02
N PHE B 237 22.24 10.62 -7.99
CA PHE B 237 21.45 10.77 -9.21
C PHE B 237 21.32 9.48 -10.02
N HIS B 238 22.42 8.74 -10.14
CA HIS B 238 22.40 7.43 -10.76
C HIS B 238 21.51 6.44 -9.98
N LEU B 239 21.60 6.49 -8.65
CA LEU B 239 20.83 5.63 -7.76
C LEU B 239 19.32 5.88 -7.95
N ILE B 240 18.94 7.16 -7.87
CA ILE B 240 17.60 7.62 -8.18
C ILE B 240 17.09 7.05 -9.51
N GLU B 241 17.90 7.15 -10.55
CA GLU B 241 17.48 6.62 -11.87
C GLU B 241 17.35 5.10 -11.87
N LEU B 242 18.29 4.43 -11.21
CA LEU B 242 18.26 2.97 -11.05
C LEU B 242 16.99 2.51 -10.33
N LEU B 243 16.65 3.17 -9.22
CA LEU B 243 15.45 2.82 -8.46
C LEU B 243 14.17 3.10 -9.25
N LYS B 244 14.23 4.16 -10.07
CA LYS B 244 13.11 4.61 -10.91
C LYS B 244 12.74 3.54 -11.96
N ASN B 245 13.76 2.88 -12.50
CA ASN B 245 13.59 1.81 -13.48
C ASN B 245 13.53 0.45 -12.82
N ASN B 246 13.02 0.43 -11.58
CA ASN B 246 12.90 -0.78 -10.77
C ASN B 246 14.16 -1.66 -10.64
N GLY B 247 15.34 -1.04 -10.60
CA GLY B 247 16.56 -1.72 -10.17
C GLY B 247 16.47 -1.93 -8.67
N ARG B 248 16.76 -3.13 -8.21
CA ARG B 248 16.58 -3.53 -6.80
C ARG B 248 17.72 -4.41 -6.30
N LEU B 249 17.92 -4.44 -4.97
CA LEU B 249 18.87 -5.37 -4.37
C LEU B 249 18.48 -6.80 -4.74
N PRO B 250 19.47 -7.66 -5.04
CA PRO B 250 19.18 -9.02 -5.49
C PRO B 250 18.86 -9.92 -4.31
N ARG B 251 18.20 -11.04 -4.56
CA ARG B 251 17.89 -12.00 -3.53
C ARG B 251 19.19 -12.55 -2.95
N PRO B 252 19.35 -12.44 -1.62
CA PRO B 252 20.56 -12.96 -0.99
C PRO B 252 20.64 -14.48 -1.19
N ASP B 253 21.87 -15.01 -1.21
CA ASP B 253 22.09 -16.45 -1.37
C ASP B 253 21.38 -17.22 -0.27
N GLY B 254 20.61 -18.23 -0.66
CA GLY B 254 19.90 -19.07 0.28
C GLY B 254 18.63 -18.46 0.86
N CYS B 255 18.29 -17.25 0.45
CA CYS B 255 17.08 -16.58 0.93
C CYS B 255 15.82 -17.16 0.30
N PRO B 256 14.89 -17.71 1.13
CA PRO B 256 13.62 -18.24 0.65
C PRO B 256 12.79 -17.19 -0.10
N ASP B 257 11.98 -17.65 -1.04
CA ASP B 257 11.21 -16.77 -1.91
C ASP B 257 10.23 -15.89 -1.17
N GLU B 258 9.53 -16.49 -0.20
CA GLU B 258 8.58 -15.80 0.68
C GLU B 258 9.21 -14.57 1.33
N ILE B 259 10.45 -14.72 1.78
CA ILE B 259 11.19 -13.63 2.44
C ILE B 259 11.59 -12.52 1.48
N TYR B 260 12.10 -12.89 0.30
CA TYR B 260 12.46 -11.92 -0.74
C TYR B 260 11.25 -11.12 -1.22
N MET B 261 10.09 -11.78 -1.25
CA MET B 261 8.82 -11.12 -1.58
C MET B 261 8.44 -10.02 -0.60
N ILE B 262 8.76 -10.20 0.69
CA ILE B 262 8.57 -9.16 1.71
C ILE B 262 9.51 -7.96 1.43
N MET B 263 10.77 -8.25 1.12
CA MET B 263 11.75 -7.25 0.70
C MET B 263 11.28 -6.44 -0.50
N THR B 264 10.94 -7.10 -1.60
CA THR B 264 10.52 -6.42 -2.83
C THR B 264 9.25 -5.61 -2.66
N GLU B 265 8.37 -6.04 -1.75
CA GLU B 265 7.14 -5.33 -1.49
C GLU B 265 7.39 -4.06 -0.68
N CYS B 266 8.28 -4.13 0.31
CA CYS B 266 8.72 -2.92 1.02
C CYS B 266 9.37 -1.90 0.08
N TRP B 267 9.93 -2.38 -1.03
CA TRP B 267 10.65 -1.53 -1.99
C TRP B 267 9.80 -1.08 -3.16
N ASN B 268 8.52 -0.84 -2.91
CA ASN B 268 7.63 -0.27 -3.89
C ASN B 268 7.90 1.23 -4.09
N ASN B 269 8.03 1.64 -5.35
CA ASN B 269 8.14 3.05 -5.71
C ASN B 269 6.94 3.84 -5.22
N ASN B 270 5.79 3.19 -5.20
CA ASN B 270 4.58 3.80 -4.65
C ASN B 270 4.54 3.61 -3.14
N VAL B 271 4.64 4.73 -2.43
CA VAL B 271 4.60 4.76 -0.98
C VAL B 271 3.34 4.06 -0.40
N ASN B 272 2.24 4.15 -1.14
CA ASN B 272 0.96 3.61 -0.67
C ASN B 272 0.80 2.10 -0.83
N GLN B 273 1.67 1.49 -1.60
CA GLN B 273 1.69 0.04 -1.78
C GLN B 273 2.79 -0.69 -0.99
N ARG B 274 3.40 0.01 -0.05
CA ARG B 274 4.35 -0.61 0.85
C ARG B 274 3.55 -1.09 2.04
N PRO B 275 3.91 -2.26 2.60
CA PRO B 275 3.09 -2.77 3.70
C PRO B 275 3.23 -1.91 4.95
N SER B 276 2.32 -2.07 5.90
CA SER B 276 2.45 -1.42 7.19
C SER B 276 3.29 -2.34 8.05
N PHE B 277 3.91 -1.79 9.10
CA PHE B 277 4.64 -2.63 10.06
C PHE B 277 3.73 -3.64 10.76
N ARG B 278 2.46 -3.29 10.94
CA ARG B 278 1.48 -4.22 11.49
C ARG B 278 1.34 -5.45 10.60
N ASP B 279 1.17 -5.23 9.30
CA ASP B 279 1.07 -6.31 8.32
C ASP B 279 2.34 -7.13 8.21
N LEU B 280 3.49 -6.44 8.29
CA LEU B 280 4.79 -7.11 8.27
C LEU B 280 4.94 -8.05 9.43
N ALA B 281 4.64 -7.60 10.64
CA ALA B 281 4.69 -8.47 11.83
C ALA B 281 3.81 -9.72 11.67
N LEU B 282 2.59 -9.54 11.17
CA LEU B 282 1.69 -10.65 10.88
C LEU B 282 2.26 -11.61 9.85
N ARG B 283 2.76 -11.08 8.73
CA ARG B 283 3.35 -11.93 7.70
C ARG B 283 4.54 -12.73 8.22
N VAL B 284 5.46 -12.05 8.91
CA VAL B 284 6.64 -12.70 9.49
C VAL B 284 6.25 -13.76 10.52
N ASP B 285 5.32 -13.43 11.43
CA ASP B 285 4.81 -14.41 12.40
C ASP B 285 4.25 -15.65 11.73
N GLN B 286 3.50 -15.45 10.65
CA GLN B 286 2.90 -16.55 9.88
C GLN B 286 3.94 -17.41 9.18
N ILE B 287 4.96 -16.79 8.57
CA ILE B 287 6.07 -17.53 7.97
C ILE B 287 6.82 -18.34 9.01
N ARG B 288 7.07 -17.74 10.18
CA ARG B 288 7.67 -18.44 11.32
C ARG B 288 6.85 -19.66 11.76
N ASP B 289 5.53 -19.53 11.75
CA ASP B 289 4.64 -20.65 12.08
C ASP B 289 4.67 -21.78 11.05
N GLN B 290 4.76 -21.43 9.77
CA GLN B 290 4.95 -22.39 8.69
C GLN B 290 6.24 -23.18 8.85
N MET B 291 7.33 -22.48 9.18
CA MET B 291 8.65 -23.09 9.27
C MET B 291 8.74 -23.99 10.51
N ALA B 292 8.03 -23.61 11.56
CA ALA B 292 7.98 -24.41 12.78
C ALA B 292 7.07 -25.63 12.59
N GLY B 293 5.98 -25.43 11.85
CA GLY B 293 4.93 -26.43 11.67
C GLY B 293 5.42 -27.74 11.07
C8 2HB C . -17.09 4.98 -19.88
C5 2HB C . -18.16 2.15 -21.16
C2 2HB C . -17.85 2.98 -23.87
C4 2HB C . -19.45 2.54 -21.81
C1 2HB C . -17.19 3.83 -22.81
C7 2HB C . -16.32 3.78 -20.44
C9 2HB C . -18.02 4.79 -18.85
C10 2HB C . -18.73 5.88 -18.33
C11 2HB C . -18.51 7.18 -18.79
C12 2HB C . -17.53 7.37 -19.78
C13 2HB C . -16.87 6.27 -20.35
C14 2HB C . -19.26 8.25 -18.28
C15 2HB C . -20.65 8.10 -18.10
C16 2HB C . -21.42 9.11 -17.53
C17 2HB C . -20.80 10.30 -17.13
C18 2HB C . -19.44 10.42 -17.38
C21 2HB C . -17.43 11.10 -17.57
C24 2HB C . -15.08 11.58 -17.94
C26 2HB C . -13.91 12.54 -17.77
C27 2HB C . -12.51 11.89 -17.67
C28 2HB C . -12.92 12.65 -18.95
O30 2HB C . -20.42 3.51 -24.06
S3 2HB C . -19.53 2.47 -23.59
O29 2HB C . -19.68 1.10 -24.02
N6 2HB C . -17.06 3.09 -21.53
N19 2HB C . -18.70 9.43 -17.94
N20 2HB C . -17.43 9.84 -18.04
N23 2HB C . -16.29 11.96 -17.50
O25 2HB C . -14.89 10.50 -18.47
N22 2HB C . -18.65 11.47 -17.15
C8 2HB D . 26.26 2.63 17.89
C5 2HB D . 25.80 5.19 15.80
C2 2HB D . 28.11 6.53 16.80
C4 2HB D . 25.47 6.34 16.70
C1 2HB D . 27.92 5.09 17.20
C7 2HB D . 26.82 2.95 16.49
C9 2HB D . 24.89 2.70 18.13
C10 2HB D . 24.38 2.41 19.40
C11 2HB D . 25.25 2.06 20.46
C12 2HB D . 26.62 2.00 20.20
C13 2HB D . 27.12 2.28 18.93
C14 2HB D . 24.74 1.78 21.73
C15 2HB D . 23.70 2.54 22.29
C16 2HB D . 23.19 2.22 23.56
C17 2HB D . 23.73 1.15 24.28
C18 2HB D . 24.77 0.44 23.67
C21 2HB D . 26.30 -0.96 23.17
C24 2HB D . 27.95 -2.44 22.22
C26 2HB D . 28.83 -3.66 22.41
C27 2HB D . 30.07 -3.85 21.50
C28 2HB D . 30.25 -3.34 22.95
O30 2HB D . 26.61 8.15 18.25
S3 2HB D . 26.71 7.61 16.91
O29 2HB D . 26.69 8.48 15.76
N6 2HB D . 26.97 4.41 16.28
N19 2HB D . 25.25 0.74 22.46
N20 2HB D . 26.18 -0.14 22.11
N23 2HB D . 27.19 -2.06 23.26
O25 2HB D . 27.96 -1.86 21.15
N22 2HB D . 25.44 -0.61 24.14
#